data_1UK8
#
_entry.id   1UK8
#
_cell.length_a   77.101
_cell.length_b   116.001
_cell.length_c   78.730
_cell.angle_alpha   90.00
_cell.angle_beta   90.00
_cell.angle_gamma   90.00
#
_symmetry.space_group_name_H-M   'C 2 2 21'
#
loop_
_entity.id
_entity.type
_entity.pdbx_description
1 polymer '2-hydroxy-6-oxo-7-methylocta-2,4-dienoate hydrolase'
2 non-polymer 'PENTANOIC ACID'
3 water water
#
_entity_poly.entity_id   1
_entity_poly.type   'polypeptide(L)'
_entity_poly.pdbx_seq_one_letter_code
;MANLEIGKSILAAGVLTNYHDVGEGQPVILIHGSGPGVSAYANWRLTIPALSKFYRVIAPDMVGFGFTDRPENYNYSKDS
WVDHIIGIMDALEIEKAHIVGNAFGGGLAIATALRYSERVDRMVLMGAAGTRFDVTEGLNAVWGYTPSIENMRNLLDIFA
YDRSLVTDELARLRYEASIQPGFQESFSSMFPEPRQRWIDALASSDEDIKTLPNETLIIHGREDQVVPLSSSLRLGELID
RAQLHVFGRCGHWTQIEQTDRFNRLVVEFFNEANTPKLVGRP
;
_entity_poly.pdbx_strand_id   A
#
# COMPACT_ATOMS: atom_id res chain seq x y z
N ASN A 3 -12.24 -5.55 17.26
CA ASN A 3 -11.25 -5.63 16.15
C ASN A 3 -10.81 -4.22 15.78
N LEU A 4 -9.57 -3.88 16.14
CA LEU A 4 -9.02 -2.56 15.86
C LEU A 4 -8.85 -2.27 14.37
N GLU A 5 -8.99 -3.31 13.54
CA GLU A 5 -8.86 -3.11 12.10
C GLU A 5 -10.10 -2.45 11.55
N ILE A 6 -11.18 -2.49 12.32
CA ILE A 6 -12.44 -1.86 11.92
C ILE A 6 -12.41 -0.47 12.53
N GLY A 7 -12.63 0.55 11.69
CA GLY A 7 -12.61 1.91 12.19
C GLY A 7 -13.92 2.64 11.93
N LYS A 8 -13.85 3.70 11.15
CA LYS A 8 -15.03 4.49 10.82
C LYS A 8 -15.56 4.04 9.47
N SER A 9 -16.79 4.45 9.16
CA SER A 9 -17.43 4.07 7.91
C SER A 9 -17.92 5.28 7.15
N ILE A 10 -17.75 5.27 5.83
CA ILE A 10 -18.20 6.38 5.00
C ILE A 10 -18.45 5.89 3.57
N LEU A 11 -19.44 6.48 2.91
CA LEU A 11 -19.74 6.10 1.54
C LEU A 11 -18.78 6.85 0.64
N ALA A 12 -18.01 6.10 -0.15
CA ALA A 12 -17.04 6.71 -1.07
C ALA A 12 -17.11 6.03 -2.43
N ALA A 13 -17.33 6.82 -3.47
CA ALA A 13 -17.44 6.28 -4.82
C ALA A 13 -18.50 5.17 -4.85
N GLY A 14 -19.55 5.35 -4.06
CA GLY A 14 -20.64 4.38 -4.02
C GLY A 14 -20.38 3.12 -3.22
N VAL A 15 -19.23 3.06 -2.55
CA VAL A 15 -18.86 1.89 -1.76
C VAL A 15 -18.74 2.23 -0.28
N LEU A 16 -19.38 1.43 0.58
CA LEU A 16 -19.30 1.67 2.01
C LEU A 16 -17.85 1.34 2.34
N THR A 17 -17.12 2.34 2.84
CA THR A 17 -15.70 2.19 3.11
C THR A 17 -15.26 2.26 4.58
N ASN A 18 -14.41 1.31 4.97
CA ASN A 18 -13.87 1.28 6.33
C ASN A 18 -12.59 2.10 6.28
N TYR A 19 -12.40 2.99 7.25
CA TYR A 19 -11.20 3.82 7.27
C TYR A 19 -10.87 4.36 8.64
N HIS A 20 -9.64 4.85 8.76
CA HIS A 20 -9.17 5.45 9.99
C HIS A 20 -8.85 6.90 9.66
N ASP A 21 -9.12 7.79 10.61
CA ASP A 21 -8.90 9.22 10.41
C ASP A 21 -8.42 9.76 11.77
N VAL A 22 -7.13 10.08 11.85
CA VAL A 22 -6.53 10.56 13.09
C VAL A 22 -5.62 11.75 12.85
N GLY A 23 -5.73 12.77 13.71
CA GLY A 23 -4.88 13.94 13.58
C GLY A 23 -5.54 15.13 12.93
N GLU A 24 -4.84 16.26 12.89
CA GLU A 24 -5.37 17.48 12.31
C GLU A 24 -4.31 18.17 11.44
N GLY A 25 -4.77 19.00 10.51
CA GLY A 25 -3.86 19.71 9.63
C GLY A 25 -3.79 19.20 8.22
N GLN A 26 -2.61 19.28 7.63
CA GLN A 26 -2.38 18.81 6.26
C GLN A 26 -2.76 17.34 6.15
N PRO A 27 -3.63 17.01 5.19
CA PRO A 27 -4.03 15.62 5.01
C PRO A 27 -2.99 14.71 4.35
N VAL A 28 -2.92 13.48 4.83
CA VAL A 28 -2.00 12.48 4.31
C VAL A 28 -2.82 11.20 4.15
N ILE A 29 -2.84 10.64 2.94
CA ILE A 29 -3.58 9.42 2.70
C ILE A 29 -2.61 8.25 2.67
N LEU A 30 -2.86 7.24 3.49
CA LEU A 30 -2.01 6.07 3.52
C LEU A 30 -2.74 4.95 2.77
N ILE A 31 -2.08 4.37 1.77
CA ILE A 31 -2.68 3.28 0.98
C ILE A 31 -1.91 1.98 1.18
N HIS A 32 -2.60 1.00 1.76
CA HIS A 32 -2.02 -0.31 2.07
C HIS A 32 -1.64 -1.18 0.87
N GLY A 33 -0.97 -2.29 1.18
CA GLY A 33 -0.53 -3.25 0.17
C GLY A 33 -1.60 -4.26 -0.20
N SER A 34 -1.22 -5.31 -0.92
CA SER A 34 -2.20 -6.32 -1.35
C SER A 34 -1.98 -7.76 -0.90
N GLY A 35 -1.55 -7.97 0.33
CA GLY A 35 -1.35 -9.32 0.80
C GLY A 35 -2.66 -9.88 1.37
N PRO A 36 -2.74 -11.19 1.62
CA PRO A 36 -3.96 -11.80 2.17
C PRO A 36 -4.22 -11.33 3.60
N GLY A 37 -5.45 -10.90 3.85
CA GLY A 37 -5.83 -10.42 5.18
C GLY A 37 -5.41 -8.99 5.45
N VAL A 38 -4.84 -8.32 4.46
CA VAL A 38 -4.39 -6.94 4.64
C VAL A 38 -5.54 -5.99 4.97
N SER A 39 -5.20 -4.93 5.71
CA SER A 39 -6.16 -3.89 6.05
C SER A 39 -5.32 -2.64 6.29
N ALA A 40 -5.95 -1.48 6.28
CA ALA A 40 -5.23 -0.24 6.50
C ALA A 40 -4.58 -0.27 7.88
N TYR A 41 -5.31 -0.74 8.88
CA TYR A 41 -4.75 -0.80 10.23
C TYR A 41 -3.55 -1.73 10.32
N ALA A 42 -3.68 -2.92 9.74
CA ALA A 42 -2.60 -3.90 9.77
C ALA A 42 -1.30 -3.33 9.19
N ASN A 43 -1.44 -2.56 8.13
CA ASN A 43 -0.28 -1.95 7.48
C ASN A 43 0.26 -0.72 8.20
N TRP A 44 -0.65 0.12 8.66
CA TRP A 44 -0.27 1.40 9.24
C TRP A 44 -0.38 1.64 10.75
N ARG A 45 -0.62 0.59 11.52
CA ARG A 45 -0.77 0.73 12.98
C ARG A 45 0.38 1.43 13.69
N LEU A 46 1.61 1.31 13.17
CA LEU A 46 2.76 1.95 13.80
C LEU A 46 3.16 3.25 13.11
N THR A 47 2.46 3.57 12.03
CA THR A 47 2.74 4.78 11.26
C THR A 47 1.80 5.92 11.65
N ILE A 48 0.53 5.60 11.77
CA ILE A 48 -0.48 6.60 12.11
C ILE A 48 -0.18 7.41 13.38
N PRO A 49 0.18 6.73 14.49
CA PRO A 49 0.47 7.45 15.73
C PRO A 49 1.56 8.51 15.58
N ALA A 50 2.61 8.19 14.83
CA ALA A 50 3.72 9.12 14.63
C ALA A 50 3.33 10.30 13.73
N LEU A 51 2.72 9.99 12.59
CA LEU A 51 2.33 11.04 11.64
C LEU A 51 1.16 11.91 12.10
N SER A 52 0.20 11.31 12.82
CA SER A 52 -0.96 12.05 13.27
C SER A 52 -0.64 13.15 14.28
N LYS A 53 0.60 13.19 14.73
CA LYS A 53 1.02 14.22 15.67
C LYS A 53 1.24 15.54 14.94
N PHE A 54 1.41 15.45 13.63
CA PHE A 54 1.67 16.65 12.81
C PHE A 54 0.79 16.76 11.57
N TYR A 55 0.04 15.71 11.27
CA TYR A 55 -0.82 15.70 10.09
C TYR A 55 -2.15 15.01 10.35
N ARG A 56 -3.09 15.21 9.43
CA ARG A 56 -4.37 14.53 9.53
C ARG A 56 -4.14 13.29 8.67
N VAL A 57 -4.13 12.12 9.29
CA VAL A 57 -3.86 10.88 8.59
C VAL A 57 -5.12 10.07 8.29
N ILE A 58 -5.32 9.79 7.01
CA ILE A 58 -6.48 9.02 6.56
C ILE A 58 -5.97 7.70 5.97
N ALA A 59 -6.43 6.59 6.53
CA ALA A 59 -6.01 5.27 6.08
C ALA A 59 -7.24 4.40 5.81
N PRO A 60 -7.65 4.29 4.54
CA PRO A 60 -8.82 3.49 4.16
C PRO A 60 -8.51 2.08 3.68
N ASP A 61 -9.50 1.20 3.79
CA ASP A 61 -9.34 -0.16 3.29
C ASP A 61 -9.82 -0.04 1.85
N MET A 62 -8.95 -0.33 0.90
CA MET A 62 -9.32 -0.25 -0.51
C MET A 62 -10.40 -1.28 -0.84
N VAL A 63 -11.31 -0.92 -1.73
CA VAL A 63 -12.38 -1.85 -2.11
C VAL A 63 -11.80 -3.19 -2.54
N GLY A 64 -12.33 -4.25 -1.95
CA GLY A 64 -11.84 -5.60 -2.25
C GLY A 64 -10.93 -6.10 -1.16
N PHE A 65 -10.56 -5.20 -0.25
CA PHE A 65 -9.66 -5.54 0.85
C PHE A 65 -10.22 -5.11 2.20
N GLY A 66 -9.67 -5.69 3.26
CA GLY A 66 -10.10 -5.33 4.60
C GLY A 66 -11.59 -5.40 4.87
N PHE A 67 -12.09 -4.39 5.58
CA PHE A 67 -13.50 -4.36 5.95
C PHE A 67 -14.40 -3.44 5.14
N THR A 68 -13.89 -2.98 4.00
CA THR A 68 -14.69 -2.15 3.11
C THR A 68 -15.61 -3.12 2.37
N ASP A 69 -16.77 -2.64 1.95
CA ASP A 69 -17.71 -3.50 1.24
C ASP A 69 -17.11 -4.07 -0.03
N ARG A 70 -17.47 -5.31 -0.34
CA ARG A 70 -17.01 -5.98 -1.55
C ARG A 70 -18.25 -6.15 -2.43
N PRO A 71 -18.58 -5.11 -3.21
CA PRO A 71 -19.74 -5.13 -4.11
C PRO A 71 -19.81 -6.35 -5.00
N GLU A 72 -21.01 -6.90 -5.13
CA GLU A 72 -21.21 -8.07 -5.97
C GLU A 72 -20.90 -7.73 -7.42
N ASN A 73 -20.08 -8.56 -8.06
CA ASN A 73 -19.71 -8.35 -9.47
C ASN A 73 -18.92 -7.06 -9.68
N TYR A 74 -18.25 -6.57 -8.65
CA TYR A 74 -17.47 -5.34 -8.77
C TYR A 74 -16.30 -5.56 -9.73
N ASN A 75 -16.05 -4.58 -10.59
CA ASN A 75 -14.96 -4.69 -11.54
C ASN A 75 -13.70 -4.02 -10.99
N TYR A 76 -12.81 -4.84 -10.46
CA TYR A 76 -11.55 -4.35 -9.88
C TYR A 76 -10.55 -4.00 -10.98
N SER A 77 -9.94 -2.83 -10.86
CA SER A 77 -8.96 -2.38 -11.82
C SER A 77 -8.19 -1.21 -11.24
N LYS A 78 -7.05 -0.89 -11.85
CA LYS A 78 -6.24 0.22 -11.40
C LYS A 78 -7.09 1.49 -11.37
N ASP A 79 -7.82 1.73 -12.45
CA ASP A 79 -8.67 2.91 -12.55
C ASP A 79 -9.79 2.92 -11.54
N SER A 80 -10.37 1.77 -11.26
CA SER A 80 -11.45 1.66 -10.29
C SER A 80 -10.93 1.99 -8.89
N TRP A 81 -9.72 1.51 -8.58
CA TRP A 81 -9.14 1.78 -7.27
C TRP A 81 -8.79 3.25 -7.14
N VAL A 82 -8.33 3.86 -8.23
CA VAL A 82 -8.02 5.29 -8.20
C VAL A 82 -9.33 6.03 -7.93
N ASP A 83 -10.41 5.59 -8.58
CA ASP A 83 -11.72 6.20 -8.38
C ASP A 83 -12.14 6.10 -6.92
N HIS A 84 -11.77 5.00 -6.28
CA HIS A 84 -12.13 4.81 -4.87
C HIS A 84 -11.36 5.81 -4.01
N ILE A 85 -10.06 5.96 -4.29
CA ILE A 85 -9.23 6.90 -3.53
C ILE A 85 -9.80 8.31 -3.67
N ILE A 86 -10.10 8.70 -4.90
CA ILE A 86 -10.66 10.03 -5.14
C ILE A 86 -12.04 10.15 -4.48
N GLY A 87 -12.79 9.07 -4.48
CA GLY A 87 -14.11 9.08 -3.85
C GLY A 87 -13.99 9.32 -2.36
N ILE A 88 -12.99 8.71 -1.76
CA ILE A 88 -12.74 8.86 -0.32
C ILE A 88 -12.36 10.31 -0.03
N MET A 89 -11.47 10.86 -0.84
CA MET A 89 -11.04 12.24 -0.67
C MET A 89 -12.22 13.19 -0.83
N ASP A 90 -13.04 12.95 -1.86
CA ASP A 90 -14.22 13.80 -2.08
C ASP A 90 -15.16 13.71 -0.88
N ALA A 91 -15.42 12.50 -0.40
CA ALA A 91 -16.31 12.31 0.72
C ALA A 91 -15.87 13.04 1.98
N LEU A 92 -14.56 13.19 2.15
CA LEU A 92 -13.99 13.85 3.32
C LEU A 92 -13.59 15.31 3.06
N GLU A 93 -13.95 15.83 1.90
CA GLU A 93 -13.63 17.21 1.53
C GLU A 93 -12.11 17.44 1.57
N ILE A 94 -11.36 16.43 1.16
CA ILE A 94 -9.90 16.52 1.10
C ILE A 94 -9.59 16.95 -0.32
N GLU A 95 -9.28 18.24 -0.50
CA GLU A 95 -9.00 18.77 -1.82
C GLU A 95 -7.63 18.43 -2.38
N LYS A 96 -6.62 18.40 -1.51
CA LYS A 96 -5.28 18.04 -1.94
C LYS A 96 -4.59 17.38 -0.77
N ALA A 97 -3.88 16.28 -1.02
CA ALA A 97 -3.21 15.58 0.06
C ALA A 97 -1.92 14.92 -0.37
N HIS A 98 -1.10 14.57 0.62
CA HIS A 98 0.13 13.84 0.34
C HIS A 98 -0.36 12.40 0.34
N ILE A 99 0.35 11.51 -0.34
CA ILE A 99 -0.06 10.12 -0.36
C ILE A 99 1.14 9.20 -0.13
N VAL A 100 0.96 8.24 0.76
CA VAL A 100 1.98 7.25 1.07
C VAL A 100 1.41 5.95 0.55
N GLY A 101 2.06 5.36 -0.47
CA GLY A 101 1.57 4.12 -1.03
C GLY A 101 2.50 2.94 -0.80
N ASN A 102 1.98 1.90 -0.17
CA ASN A 102 2.78 0.72 0.11
C ASN A 102 2.54 -0.38 -0.92
N ALA A 103 3.58 -0.67 -1.71
CA ALA A 103 3.52 -1.72 -2.73
C ALA A 103 2.34 -1.51 -3.67
N PHE A 104 1.33 -2.38 -3.59
CA PHE A 104 0.11 -2.25 -4.40
C PHE A 104 -0.36 -0.79 -4.31
N GLY A 105 -0.38 -0.27 -3.08
CA GLY A 105 -0.81 1.10 -2.86
C GLY A 105 0.07 2.13 -3.53
N GLY A 106 1.34 1.79 -3.74
CA GLY A 106 2.26 2.70 -4.39
C GLY A 106 1.88 2.86 -5.85
N GLY A 107 1.46 1.76 -6.46
CA GLY A 107 1.04 1.81 -7.85
C GLY A 107 -0.21 2.67 -7.96
N LEU A 108 -1.10 2.55 -6.99
CA LEU A 108 -2.32 3.34 -6.99
C LEU A 108 -2.00 4.81 -6.78
N ALA A 109 -1.01 5.10 -5.94
CA ALA A 109 -0.62 6.48 -5.67
C ALA A 109 -0.12 7.13 -6.95
N ILE A 110 0.74 6.43 -7.69
CA ILE A 110 1.26 6.94 -8.95
C ILE A 110 0.13 7.19 -9.94
N ALA A 111 -0.77 6.21 -10.07
CA ALA A 111 -1.89 6.34 -10.99
C ALA A 111 -2.82 7.49 -10.62
N THR A 112 -2.98 7.73 -9.31
CA THR A 112 -3.85 8.81 -8.86
C THR A 112 -3.21 10.16 -9.19
N ALA A 113 -1.90 10.25 -8.98
CA ALA A 113 -1.18 11.48 -9.27
C ALA A 113 -1.21 11.82 -10.76
N LEU A 114 -1.26 10.78 -11.59
CA LEU A 114 -1.31 10.98 -13.05
C LEU A 114 -2.67 11.43 -13.53
N ARG A 115 -3.74 10.84 -13.00
CA ARG A 115 -5.09 11.19 -13.41
C ARG A 115 -5.68 12.40 -12.68
N TYR A 116 -5.20 12.63 -11.47
CA TYR A 116 -5.69 13.74 -10.64
C TYR A 116 -4.52 14.50 -10.04
N SER A 117 -3.65 15.00 -10.90
CA SER A 117 -2.48 15.74 -10.45
C SER A 117 -2.78 16.86 -9.47
N GLU A 118 -3.90 17.56 -9.66
CA GLU A 118 -4.25 18.65 -8.78
C GLU A 118 -4.70 18.22 -7.38
N ARG A 119 -4.91 16.92 -7.18
CA ARG A 119 -5.36 16.42 -5.90
C ARG A 119 -4.22 15.83 -5.07
N VAL A 120 -3.06 15.66 -5.69
CA VAL A 120 -1.91 15.06 -5.01
C VAL A 120 -0.73 16.01 -4.84
N ASP A 121 -0.21 16.10 -3.63
CA ASP A 121 0.94 16.96 -3.35
C ASP A 121 2.19 16.09 -3.38
N ARG A 122 2.72 15.72 -2.22
CA ARG A 122 3.92 14.88 -2.20
C ARG A 122 3.55 13.41 -2.09
N MET A 123 4.43 12.54 -2.59
CA MET A 123 4.19 11.10 -2.54
C MET A 123 5.34 10.34 -1.94
N VAL A 124 5.01 9.28 -1.22
CA VAL A 124 6.01 8.39 -0.65
C VAL A 124 5.64 7.05 -1.26
N LEU A 125 6.58 6.42 -1.96
CA LEU A 125 6.34 5.14 -2.60
C LEU A 125 7.24 4.09 -1.97
N MET A 126 6.63 3.11 -1.29
CA MET A 126 7.38 2.07 -0.59
C MET A 126 7.27 0.71 -1.27
N GLY A 127 8.41 0.13 -1.68
CA GLY A 127 8.41 -1.16 -2.35
C GLY A 127 7.22 -1.20 -3.29
N ALA A 128 7.03 -0.06 -3.94
CA ALA A 128 5.90 0.19 -4.80
C ALA A 128 5.73 -0.45 -6.16
N ALA A 129 4.46 -0.69 -6.49
CA ALA A 129 4.09 -1.21 -7.80
C ALA A 129 4.16 0.09 -8.60
N GLY A 130 4.06 0.01 -9.92
CA GLY A 130 4.13 1.23 -10.72
C GLY A 130 4.96 1.06 -11.97
N THR A 131 5.85 0.08 -11.96
CA THR A 131 6.68 -0.19 -13.12
C THR A 131 6.62 -1.69 -13.40
N ARG A 132 6.87 -2.06 -14.65
CA ARG A 132 6.83 -3.46 -15.01
C ARG A 132 8.10 -4.18 -14.60
N PHE A 133 7.99 -5.06 -13.62
CA PHE A 133 9.13 -5.85 -13.16
C PHE A 133 8.70 -7.30 -13.31
N ASP A 134 9.67 -8.19 -13.51
CA ASP A 134 9.33 -9.61 -13.67
C ASP A 134 8.82 -10.19 -12.37
N VAL A 135 7.72 -10.92 -12.45
CA VAL A 135 7.13 -11.53 -11.26
C VAL A 135 8.17 -12.33 -10.50
N THR A 136 8.17 -12.15 -9.18
CA THR A 136 9.08 -12.83 -8.28
C THR A 136 8.37 -14.02 -7.64
N GLU A 137 9.13 -14.99 -7.14
CA GLU A 137 8.50 -16.13 -6.50
C GLU A 137 7.79 -15.63 -5.24
N GLY A 138 8.37 -14.62 -4.60
CA GLY A 138 7.77 -14.08 -3.40
C GLY A 138 6.39 -13.53 -3.69
N LEU A 139 6.27 -12.74 -4.75
CA LEU A 139 4.97 -12.18 -5.10
C LEU A 139 4.00 -13.26 -5.54
N ASN A 140 4.48 -14.24 -6.31
CA ASN A 140 3.59 -15.30 -6.75
C ASN A 140 3.06 -16.08 -5.55
N ALA A 141 3.88 -16.22 -4.52
CA ALA A 141 3.47 -16.93 -3.31
C ALA A 141 2.45 -16.09 -2.56
N VAL A 142 2.70 -14.79 -2.46
CA VAL A 142 1.80 -13.88 -1.77
C VAL A 142 0.42 -13.85 -2.41
N TRP A 143 0.37 -13.60 -3.72
CA TRP A 143 -0.90 -13.55 -4.42
C TRP A 143 -1.53 -14.92 -4.63
N GLY A 144 -0.73 -15.97 -4.53
CA GLY A 144 -1.24 -17.32 -4.69
C GLY A 144 -1.56 -18.00 -3.37
N TYR A 145 -1.60 -17.22 -2.30
CA TYR A 145 -1.89 -17.73 -0.97
C TYR A 145 -3.21 -18.49 -0.84
N THR A 146 -3.16 -19.61 -0.11
CA THR A 146 -4.33 -20.41 0.23
C THR A 146 -4.16 -20.46 1.75
N PRO A 147 -5.25 -20.38 2.51
CA PRO A 147 -5.17 -20.39 3.98
C PRO A 147 -4.59 -21.59 4.73
N SER A 148 -3.70 -21.27 5.66
CA SER A 148 -3.08 -22.24 6.57
C SER A 148 -2.03 -21.47 7.37
N ILE A 149 -1.82 -21.87 8.61
CA ILE A 149 -0.85 -21.16 9.44
C ILE A 149 0.56 -21.30 8.86
N GLU A 150 0.85 -22.45 8.25
CA GLU A 150 2.16 -22.66 7.65
C GLU A 150 2.32 -21.79 6.40
N ASN A 151 1.28 -21.68 5.60
CA ASN A 151 1.36 -20.84 4.40
C ASN A 151 1.51 -19.37 4.78
N MET A 152 0.84 -18.97 5.85
CA MET A 152 0.95 -17.58 6.28
C MET A 152 2.34 -17.34 6.88
N ARG A 153 2.87 -18.33 7.60
CA ARG A 153 4.20 -18.19 8.18
C ARG A 153 5.21 -17.97 7.05
N ASN A 154 5.06 -18.72 5.97
CA ASN A 154 5.95 -18.58 4.82
C ASN A 154 5.85 -17.17 4.23
N LEU A 155 4.62 -16.65 4.12
CA LEU A 155 4.45 -15.30 3.57
C LEU A 155 5.08 -14.26 4.48
N LEU A 156 4.93 -14.47 5.79
CA LEU A 156 5.51 -13.53 6.74
C LEU A 156 7.03 -13.57 6.61
N ASP A 157 7.58 -14.76 6.38
CA ASP A 157 9.02 -14.89 6.21
C ASP A 157 9.45 -14.14 4.95
N ILE A 158 8.64 -14.24 3.90
CA ILE A 158 8.91 -13.57 2.63
C ILE A 158 8.86 -12.05 2.76
N PHE A 159 7.97 -11.55 3.62
CA PHE A 159 7.80 -10.12 3.82
C PHE A 159 8.88 -9.43 4.64
N ALA A 160 9.46 -10.13 5.59
CA ALA A 160 10.45 -9.51 6.47
C ALA A 160 11.88 -10.03 6.36
N TYR A 161 12.81 -9.19 6.80
CA TYR A 161 14.22 -9.52 6.79
C TYR A 161 14.56 -10.37 8.01
N ASP A 162 14.14 -9.90 9.18
CA ASP A 162 14.40 -10.59 10.43
C ASP A 162 13.30 -11.61 10.74
N ARG A 163 13.53 -12.85 10.35
CA ARG A 163 12.54 -13.92 10.56
C ARG A 163 12.23 -14.22 12.02
N SER A 164 13.08 -13.74 12.93
CA SER A 164 12.84 -13.98 14.35
C SER A 164 11.57 -13.24 14.78
N LEU A 165 11.14 -12.29 13.95
CA LEU A 165 9.95 -11.50 14.23
C LEU A 165 8.69 -12.30 13.85
N VAL A 166 8.87 -13.35 13.07
CA VAL A 166 7.75 -14.19 12.65
C VAL A 166 7.49 -15.24 13.72
N THR A 167 6.51 -14.97 14.58
CA THR A 167 6.16 -15.87 15.66
C THR A 167 4.93 -16.70 15.33
N ASP A 168 4.71 -17.76 16.09
CA ASP A 168 3.56 -18.62 15.87
C ASP A 168 2.29 -17.79 16.10
N GLU A 169 2.35 -16.89 17.07
CA GLU A 169 1.20 -16.04 17.37
C GLU A 169 0.86 -15.13 16.20
N LEU A 170 1.89 -14.51 15.61
CA LEU A 170 1.66 -13.62 14.48
C LEU A 170 1.08 -14.39 13.30
N ALA A 171 1.65 -15.56 13.03
CA ALA A 171 1.17 -16.38 11.92
C ALA A 171 -0.30 -16.75 12.16
N ARG A 172 -0.61 -17.08 13.40
CA ARG A 172 -1.97 -17.47 13.79
C ARG A 172 -2.95 -16.32 13.59
N LEU A 173 -2.57 -15.14 14.08
CA LEU A 173 -3.42 -13.97 13.96
C LEU A 173 -3.66 -13.54 12.52
N ARG A 174 -2.60 -13.55 11.70
CA ARG A 174 -2.76 -13.14 10.31
C ARG A 174 -3.51 -14.20 9.52
N TYR A 175 -3.35 -15.47 9.91
CA TYR A 175 -4.08 -16.55 9.26
C TYR A 175 -5.56 -16.30 9.53
N GLU A 176 -5.90 -16.02 10.78
CA GLU A 176 -7.28 -15.74 11.15
C GLU A 176 -7.83 -14.55 10.38
N ALA A 177 -7.02 -13.52 10.19
CA ALA A 177 -7.45 -12.35 9.45
C ALA A 177 -7.76 -12.73 8.00
N SER A 178 -6.95 -13.61 7.43
CA SER A 178 -7.13 -14.04 6.04
C SER A 178 -8.35 -14.91 5.77
N ILE A 179 -8.92 -15.53 6.81
CA ILE A 179 -10.09 -16.38 6.59
C ILE A 179 -11.41 -15.74 7.05
N GLN A 180 -11.39 -14.44 7.31
CA GLN A 180 -12.60 -13.75 7.73
C GLN A 180 -13.61 -13.87 6.58
N PRO A 181 -14.90 -13.80 6.90
CA PRO A 181 -15.96 -13.91 5.88
C PRO A 181 -15.69 -13.17 4.57
N GLY A 182 -15.61 -13.92 3.49
CA GLY A 182 -15.40 -13.35 2.17
C GLY A 182 -14.02 -12.86 1.79
N PHE A 183 -13.09 -12.88 2.74
CA PHE A 183 -11.72 -12.41 2.47
C PHE A 183 -10.95 -13.23 1.45
N GLN A 184 -10.82 -14.53 1.70
CA GLN A 184 -10.08 -15.40 0.80
C GLN A 184 -10.76 -15.54 -0.55
N GLU A 185 -12.08 -15.49 -0.54
CA GLU A 185 -12.85 -15.59 -1.78
C GLU A 185 -12.50 -14.45 -2.72
N SER A 186 -12.50 -13.22 -2.19
CA SER A 186 -12.18 -12.07 -3.03
C SER A 186 -10.69 -11.99 -3.33
N PHE A 187 -9.86 -12.43 -2.39
CA PHE A 187 -8.41 -12.39 -2.61
C PHE A 187 -7.95 -13.34 -3.70
N SER A 188 -8.37 -14.60 -3.61
CA SER A 188 -7.97 -15.61 -4.59
C SER A 188 -8.42 -15.29 -6.01
N SER A 189 -9.49 -14.50 -6.14
CA SER A 189 -10.00 -14.15 -7.46
C SER A 189 -9.47 -12.79 -7.92
N MET A 190 -8.72 -12.13 -7.05
CA MET A 190 -8.19 -10.81 -7.38
C MET A 190 -7.01 -10.81 -8.35
N PHE A 191 -6.01 -11.64 -8.08
CA PHE A 191 -4.80 -11.69 -8.91
C PHE A 191 -4.50 -13.11 -9.43
N PRO A 192 -5.42 -13.71 -10.21
CA PRO A 192 -5.19 -15.06 -10.73
C PRO A 192 -4.07 -15.19 -11.77
N GLU A 193 -3.52 -16.40 -11.86
CA GLU A 193 -2.45 -16.71 -12.81
C GLU A 193 -2.92 -16.49 -14.24
N PRO A 194 -2.05 -15.98 -15.12
CA PRO A 194 -0.65 -15.58 -14.86
C PRO A 194 -0.61 -14.23 -14.17
N ARG A 195 0.10 -14.16 -13.05
CA ARG A 195 0.14 -12.91 -12.28
C ARG A 195 0.94 -11.76 -12.85
N GLN A 196 1.76 -12.01 -13.88
CA GLN A 196 2.53 -10.93 -14.49
C GLN A 196 1.56 -9.89 -15.03
N ARG A 197 0.38 -10.35 -15.46
CA ARG A 197 -0.65 -9.45 -16.00
C ARG A 197 -1.02 -8.34 -15.03
N TRP A 198 -1.07 -8.67 -13.74
CA TRP A 198 -1.46 -7.70 -12.73
C TRP A 198 -0.35 -6.74 -12.34
N ILE A 199 0.89 -7.19 -12.43
CA ILE A 199 2.02 -6.31 -12.16
C ILE A 199 1.96 -5.23 -13.25
N ASP A 200 1.77 -5.70 -14.49
CA ASP A 200 1.71 -4.81 -15.65
C ASP A 200 0.50 -3.87 -15.59
N ALA A 201 -0.64 -4.39 -15.16
CA ALA A 201 -1.85 -3.58 -15.08
C ALA A 201 -1.73 -2.47 -14.03
N LEU A 202 -1.02 -2.76 -12.95
CA LEU A 202 -0.83 -1.78 -11.87
C LEU A 202 0.26 -0.77 -12.21
N ALA A 203 1.05 -1.07 -13.22
CA ALA A 203 2.13 -0.18 -13.61
C ALA A 203 1.65 0.99 -14.44
N SER A 204 2.47 2.05 -14.46
CA SER A 204 2.20 3.23 -15.25
C SER A 204 3.36 3.27 -16.26
N SER A 205 3.12 3.85 -17.44
CA SER A 205 4.16 3.88 -18.46
C SER A 205 5.32 4.80 -18.09
N ASP A 206 6.50 4.49 -18.63
CA ASP A 206 7.68 5.31 -18.37
C ASP A 206 7.37 6.74 -18.76
N GLU A 207 6.75 6.91 -19.92
CA GLU A 207 6.39 8.22 -20.44
C GLU A 207 5.53 9.02 -19.46
N ASP A 208 4.51 8.37 -18.90
CA ASP A 208 3.63 9.04 -17.96
C ASP A 208 4.33 9.36 -16.65
N ILE A 209 5.09 8.41 -16.12
CA ILE A 209 5.79 8.62 -14.85
C ILE A 209 6.75 9.81 -14.95
N LYS A 210 7.37 9.98 -16.11
CA LYS A 210 8.31 11.08 -16.30
C LYS A 210 7.63 12.45 -16.19
N THR A 211 6.32 12.51 -16.37
CA THR A 211 5.59 13.78 -16.30
C THR A 211 5.22 14.20 -14.89
N LEU A 212 5.39 13.32 -13.92
CA LEU A 212 5.04 13.63 -12.53
C LEU A 212 5.87 14.80 -11.99
N PRO A 213 5.19 15.86 -11.54
CA PRO A 213 5.87 17.04 -11.01
C PRO A 213 6.04 17.01 -9.49
N ASN A 214 5.44 16.00 -8.86
CA ASN A 214 5.46 15.87 -7.41
C ASN A 214 6.79 15.53 -6.75
N GLU A 215 7.07 16.16 -5.61
CA GLU A 215 8.28 15.84 -4.85
C GLU A 215 7.93 14.42 -4.40
N THR A 216 8.84 13.48 -4.62
CA THR A 216 8.58 12.09 -4.29
C THR A 216 9.70 11.44 -3.51
N LEU A 217 9.32 10.63 -2.52
CA LEU A 217 10.28 9.90 -1.71
C LEU A 217 10.03 8.41 -1.96
N ILE A 218 11.02 7.75 -2.58
CA ILE A 218 10.93 6.34 -2.90
C ILE A 218 11.70 5.58 -1.82
N ILE A 219 11.02 4.62 -1.18
CA ILE A 219 11.63 3.82 -0.12
C ILE A 219 11.60 2.33 -0.48
N HIS A 220 12.68 1.63 -0.16
CA HIS A 220 12.75 0.20 -0.49
C HIS A 220 13.69 -0.53 0.47
N GLY A 221 13.41 -1.79 0.71
CA GLY A 221 14.26 -2.59 1.57
C GLY A 221 15.18 -3.36 0.64
N ARG A 222 16.48 -3.33 0.92
CA ARG A 222 17.45 -4.01 0.08
C ARG A 222 17.08 -5.47 -0.16
N GLU A 223 16.63 -6.14 0.89
CA GLU A 223 16.28 -7.54 0.82
C GLU A 223 14.82 -7.86 0.45
N ASP A 224 14.10 -6.88 -0.08
CA ASP A 224 12.69 -7.10 -0.47
C ASP A 224 12.58 -8.30 -1.43
N GLN A 225 11.85 -9.32 -0.99
CA GLN A 225 11.66 -10.54 -1.78
C GLN A 225 10.42 -10.52 -2.65
N VAL A 226 9.56 -9.53 -2.43
CA VAL A 226 8.31 -9.42 -3.18
C VAL A 226 8.46 -8.49 -4.39
N VAL A 227 8.85 -7.25 -4.16
CA VAL A 227 9.09 -6.31 -5.25
C VAL A 227 10.60 -6.06 -5.22
N PRO A 228 11.27 -6.32 -6.34
CA PRO A 228 12.72 -6.11 -6.42
C PRO A 228 13.18 -4.66 -6.31
N LEU A 229 14.33 -4.47 -5.67
CA LEU A 229 14.90 -3.13 -5.49
C LEU A 229 15.07 -2.46 -6.85
N SER A 230 15.38 -3.26 -7.87
CA SER A 230 15.56 -2.74 -9.22
C SER A 230 14.35 -1.93 -9.69
N SER A 231 13.16 -2.28 -9.22
CA SER A 231 11.94 -1.56 -9.60
C SER A 231 11.98 -0.13 -9.07
N SER A 232 12.41 0.04 -7.83
CA SER A 232 12.47 1.37 -7.23
C SER A 232 13.62 2.18 -7.82
N LEU A 233 14.67 1.50 -8.26
CA LEU A 233 15.78 2.20 -8.88
C LEU A 233 15.24 2.79 -10.18
N ARG A 234 14.39 2.03 -10.87
CA ARG A 234 13.81 2.49 -12.12
C ARG A 234 12.88 3.68 -11.86
N LEU A 235 12.07 3.61 -10.81
CA LEU A 235 11.19 4.72 -10.49
C LEU A 235 12.03 5.96 -10.21
N GLY A 236 13.18 5.76 -9.58
CA GLY A 236 14.07 6.87 -9.27
C GLY A 236 14.67 7.51 -10.50
N GLU A 237 14.84 6.72 -11.56
CA GLU A 237 15.39 7.25 -12.81
C GLU A 237 14.33 8.02 -13.58
N LEU A 238 13.07 7.63 -13.39
CA LEU A 238 11.94 8.24 -14.09
C LEU A 238 11.35 9.49 -13.46
N ILE A 239 11.21 9.50 -12.13
CA ILE A 239 10.63 10.64 -11.43
C ILE A 239 11.67 11.73 -11.18
N ASP A 240 11.43 12.92 -11.73
CA ASP A 240 12.39 14.01 -11.60
C ASP A 240 12.71 14.48 -10.19
N ARG A 241 11.69 14.93 -9.45
CA ARG A 241 11.91 15.42 -8.09
C ARG A 241 11.82 14.28 -7.10
N ALA A 242 12.73 13.31 -7.25
CA ALA A 242 12.73 12.15 -6.39
C ALA A 242 13.94 12.01 -5.51
N GLN A 243 13.75 11.26 -4.44
CA GLN A 243 14.80 10.89 -3.52
C GLN A 243 14.55 9.41 -3.30
N LEU A 244 15.61 8.63 -3.16
CA LEU A 244 15.47 7.22 -2.92
C LEU A 244 16.17 6.89 -1.62
N HIS A 245 15.50 6.13 -0.76
CA HIS A 245 16.12 5.73 0.49
C HIS A 245 15.98 4.23 0.58
N VAL A 246 17.11 3.53 0.54
CA VAL A 246 17.11 2.09 0.62
C VAL A 246 17.64 1.66 1.97
N PHE A 247 16.88 0.82 2.66
CA PHE A 247 17.27 0.31 3.97
C PHE A 247 17.90 -1.07 3.85
N GLY A 248 19.14 -1.20 4.30
CA GLY A 248 19.77 -2.51 4.28
C GLY A 248 19.15 -3.27 5.45
N ARG A 249 19.21 -4.60 5.42
CA ARG A 249 18.64 -5.43 6.48
C ARG A 249 17.17 -5.07 6.65
N CYS A 250 16.45 -5.05 5.53
CA CYS A 250 15.04 -4.69 5.53
C CYS A 250 14.35 -5.33 4.35
N GLY A 251 13.14 -5.85 4.58
CA GLY A 251 12.40 -6.49 3.52
C GLY A 251 11.30 -5.64 2.90
N HIS A 252 10.14 -6.25 2.71
CA HIS A 252 8.98 -5.62 2.10
C HIS A 252 8.04 -4.98 3.12
N TRP A 253 8.46 -4.97 4.38
CA TRP A 253 7.65 -4.44 5.48
C TRP A 253 8.34 -3.26 6.17
N THR A 254 8.99 -2.41 5.38
CA THR A 254 9.73 -1.26 5.88
C THR A 254 9.12 -0.42 7.01
N GLN A 255 7.84 -0.09 6.90
CA GLN A 255 7.21 0.74 7.93
C GLN A 255 7.16 0.05 9.29
N ILE A 256 7.28 -1.27 9.29
CA ILE A 256 7.25 -2.07 10.52
C ILE A 256 8.65 -2.51 10.92
N GLU A 257 9.47 -2.85 9.94
CA GLU A 257 10.83 -3.32 10.18
C GLU A 257 11.78 -2.21 10.62
N GLN A 258 11.64 -1.03 10.01
CA GLN A 258 12.48 0.12 10.32
C GLN A 258 11.56 1.29 10.69
N THR A 259 10.60 1.00 11.57
CA THR A 259 9.61 1.99 11.99
C THR A 259 10.12 3.40 12.30
N ASP A 260 11.00 3.52 13.29
CA ASP A 260 11.50 4.84 13.67
C ASP A 260 12.20 5.60 12.55
N ARG A 261 13.03 4.90 11.79
CA ARG A 261 13.73 5.54 10.67
C ARG A 261 12.72 5.98 9.62
N PHE A 262 11.78 5.08 9.31
CA PHE A 262 10.75 5.35 8.32
C PHE A 262 9.90 6.56 8.71
N ASN A 263 9.40 6.56 9.93
CA ASN A 263 8.56 7.67 10.39
C ASN A 263 9.29 9.00 10.36
N ARG A 264 10.55 9.01 10.80
CA ARG A 264 11.34 10.23 10.80
C ARG A 264 11.52 10.76 9.37
N LEU A 265 11.87 9.87 8.46
CA LEU A 265 12.07 10.25 7.06
C LEU A 265 10.81 10.82 6.43
N VAL A 266 9.69 10.14 6.63
CA VAL A 266 8.42 10.58 6.05
C VAL A 266 7.94 11.91 6.63
N VAL A 267 7.98 12.04 7.96
CA VAL A 267 7.54 13.28 8.58
C VAL A 267 8.37 14.47 8.12
N GLU A 268 9.69 14.33 8.12
CA GLU A 268 10.56 15.43 7.68
C GLU A 268 10.36 15.74 6.21
N PHE A 269 10.07 14.71 5.42
CA PHE A 269 9.82 14.88 4.00
C PHE A 269 8.58 15.74 3.78
N PHE A 270 7.51 15.45 4.52
CA PHE A 270 6.29 16.23 4.39
C PHE A 270 6.45 17.61 5.02
N ASN A 271 7.23 17.70 6.10
CA ASN A 271 7.46 18.98 6.76
C ASN A 271 8.08 19.99 5.80
N GLU A 272 8.85 19.48 4.84
CA GLU A 272 9.52 20.32 3.86
C GLU A 272 8.52 21.12 3.02
N ALA A 273 7.35 20.54 2.78
CA ALA A 273 6.31 21.20 2.01
C ALA A 273 5.78 22.42 2.75
#